data_6GZY
#
_entry.id   6GZY
#
_cell.length_a   111.202
_cell.length_b   117.249
_cell.length_c   37.940
_cell.angle_alpha   90.00
_cell.angle_beta   90.00
_cell.angle_gamma   90.00
#
_symmetry.space_group_name_H-M   'P 21 21 2'
#
loop_
_entity.id
_entity.type
_entity.pdbx_description
1 polymer 'E3 ubiquitin-protein ligase RNF31'
2 non-polymer 'methyl 4-[(2-oxidanylidene-1,5,6,7-tetrahydrocyclopenta[b]pyridin-3-yl)carbonylamino]butanoate'
3 non-polymer 'ZINC ION'
4 non-polymer 'SULFATE ION'
5 non-polymer 1,2-ETHANEDIOL
6 non-polymer 'TRIETHYLENE GLYCOL'
7 non-polymer 'SODIUM ION'
8 water water
#
_entity_poly.entity_id   1
_entity_poly.type   'polypeptide(L)'
_entity_poly.pdbx_seq_one_letter_code
;GPGPEYQAQGLAMYLQENGIDCPKCKFSYALARGGCMHFHCTQCRHQFCSGCYNAFYAKNKCPEPNCRVKKSLHGHHPRD
CLFYLRDWTALRLQKLLQDNNVMFNTEPPAGARAVPGGGCRVIEQKEVPNGLRDEACGKETPAGYAGLCQAHYKEYLVSL
INAHSLDPATLYEVEELETATERYLHVRPQPLAGEDPPAYQARLLQKLTEEVPLGQSIPRRRK
;
_entity_poly.pdbx_strand_id   A,B
#
loop_
_chem_comp.id
_chem_comp.type
_chem_comp.name
_chem_comp.formula
EDO non-polymer 1,2-ETHANEDIOL 'C2 H6 O2'
FHH non-polymer 'methyl 4-[(2-oxidanylidene-1,5,6,7-tetrahydrocyclopenta[b]pyridin-3-yl)carbonylamino]butanoate' 'C14 H18 N2 O4'
NA non-polymer 'SODIUM ION' 'Na 1'
PGE non-polymer 'TRIETHYLENE GLYCOL' 'C6 H14 O4'
SO4 non-polymer 'SULFATE ION' 'O4 S -2'
ZN non-polymer 'ZINC ION' 'Zn 2'
#
# COMPACT_ATOMS: atom_id res chain seq x y z
N GLN A 9 20.47 10.59 -11.99
CA GLN A 9 19.65 10.40 -13.19
C GLN A 9 18.91 11.67 -13.57
N GLY A 10 18.97 12.68 -12.70
CA GLY A 10 18.37 13.98 -12.96
C GLY A 10 16.94 14.07 -12.41
N LEU A 11 15.96 14.16 -13.32
CA LEU A 11 14.56 14.16 -12.90
C LEU A 11 14.06 12.77 -12.55
N ALA A 12 14.74 11.71 -13.02
CA ALA A 12 14.37 10.36 -12.63
C ALA A 12 14.51 10.18 -11.12
N MET A 13 15.59 10.71 -10.54
CA MET A 13 15.77 10.61 -9.09
C MET A 13 14.88 11.59 -8.33
N TYR A 14 14.54 12.73 -8.94
CA TYR A 14 13.56 13.62 -8.33
C TYR A 14 12.23 12.92 -8.15
N LEU A 15 11.79 12.18 -9.16
CA LEU A 15 10.55 11.42 -9.05
C LEU A 15 10.69 10.30 -8.03
N GLN A 16 11.87 9.69 -7.97
CA GLN A 16 12.11 8.55 -7.10
C GLN A 16 12.43 8.96 -5.66
N GLU A 17 12.94 10.17 -5.45
CA GLU A 17 13.34 10.57 -4.10
C GLU A 17 12.13 10.76 -3.20
N ASN A 18 11.08 11.41 -3.68
CA ASN A 18 9.84 11.54 -2.93
C ASN A 18 8.86 10.54 -3.54
N GLY A 19 8.83 9.35 -2.95
CA GLY A 19 8.03 8.27 -3.49
C GLY A 19 6.62 8.22 -2.95
N ILE A 20 6.26 7.08 -2.38
CA ILE A 20 4.88 6.74 -2.06
C ILE A 20 4.84 6.27 -0.61
N ASP A 21 4.04 6.93 0.21
CA ASP A 21 3.91 6.64 1.62
C ASP A 21 2.51 6.12 1.89
N CYS A 22 2.40 4.88 2.36
CA CYS A 22 1.11 4.25 2.58
C CYS A 22 0.30 5.05 3.60
N PRO A 23 -0.91 5.49 3.25
CA PRO A 23 -1.71 6.26 4.23
C PRO A 23 -2.03 5.49 5.49
N LYS A 24 -2.06 4.16 5.43
CA LYS A 24 -2.48 3.36 6.58
C LYS A 24 -1.32 3.01 7.51
N CYS A 25 -0.23 2.46 6.97
CA CYS A 25 0.87 2.00 7.80
C CYS A 25 2.11 2.89 7.72
N LYS A 26 2.11 3.90 6.84
CA LYS A 26 3.18 4.89 6.73
C LYS A 26 4.49 4.32 6.18
N PHE A 27 4.48 3.10 5.65
CA PHE A 27 5.67 2.59 5.00
C PHE A 27 5.99 3.41 3.76
N SER A 28 7.27 3.67 3.54
CA SER A 28 7.72 4.57 2.48
C SER A 28 8.35 3.76 1.35
N TYR A 29 7.81 3.91 0.15
CA TYR A 29 8.37 3.30 -1.05
C TYR A 29 9.00 4.38 -1.91
N ALA A 30 10.18 4.11 -2.44
CA ALA A 30 10.90 5.08 -3.27
C ALA A 30 10.65 4.73 -4.74
N LEU A 31 9.43 5.01 -5.17
CA LEU A 31 8.96 4.61 -6.48
C LEU A 31 8.22 5.76 -7.14
N ALA A 32 8.31 5.82 -8.46
CA ALA A 32 7.52 6.73 -9.27
C ALA A 32 6.17 6.10 -9.60
N ARG A 33 5.19 6.96 -9.87
CA ARG A 33 3.84 6.51 -10.17
C ARG A 33 3.62 6.28 -11.65
N GLY A 34 4.31 7.02 -12.52
CA GLY A 34 4.03 7.00 -13.94
C GLY A 34 2.56 7.28 -14.18
N GLY A 35 1.88 6.36 -14.87
CA GLY A 35 0.45 6.42 -15.02
C GLY A 35 -0.32 5.38 -14.23
N CYS A 36 0.37 4.63 -13.36
CA CYS A 36 -0.26 3.58 -12.57
C CYS A 36 -0.74 4.17 -11.24
N MET A 37 -2.05 4.23 -11.07
N MET A 37 -2.05 4.23 -11.07
CA MET A 37 -2.65 4.86 -9.90
CA MET A 37 -2.64 4.87 -9.89
C MET A 37 -3.01 3.88 -8.80
C MET A 37 -3.01 3.88 -8.79
N HIS A 38 -3.12 2.58 -9.11
CA HIS A 38 -3.52 1.58 -8.13
C HIS A 38 -2.27 1.10 -7.40
N PHE A 39 -2.15 1.43 -6.12
CA PHE A 39 -1.03 1.00 -5.31
C PHE A 39 -1.52 0.08 -4.20
N HIS A 40 -0.78 -1.00 -3.96
CA HIS A 40 -1.11 -2.00 -2.95
C HIS A 40 0.08 -2.14 -2.02
N CYS A 41 -0.11 -1.80 -0.74
CA CYS A 41 0.98 -1.84 0.23
C CYS A 41 1.29 -3.28 0.62
N THR A 42 2.55 -3.67 0.46
CA THR A 42 2.99 -5.00 0.88
C THR A 42 2.78 -5.20 2.37
N GLN A 43 3.07 -4.18 3.17
CA GLN A 43 3.14 -4.36 4.61
C GLN A 43 1.75 -4.54 5.23
N CYS A 44 0.78 -3.75 4.79
CA CYS A 44 -0.55 -3.77 5.40
C CYS A 44 -1.67 -4.12 4.43
N ARG A 45 -1.34 -4.37 3.16
N ARG A 45 -1.35 -4.37 3.15
CA ARG A 45 -2.32 -4.78 2.15
CA ARG A 45 -2.32 -4.79 2.14
C ARG A 45 -3.39 -3.72 1.90
C ARG A 45 -3.34 -3.71 1.81
N HIS A 46 -3.07 -2.46 2.20
CA HIS A 46 -3.98 -1.36 1.91
C HIS A 46 -3.87 -1.00 0.43
N GLN A 47 -5.02 -0.75 -0.20
CA GLN A 47 -5.10 -0.38 -1.61
C GLN A 47 -5.56 1.07 -1.69
N PHE A 48 -4.77 1.91 -2.35
CA PHE A 48 -5.06 3.34 -2.38
C PHE A 48 -4.53 3.95 -3.68
N CYS A 49 -5.00 5.15 -3.97
CA CYS A 49 -4.53 5.89 -5.15
C CYS A 49 -3.20 6.56 -4.82
N SER A 50 -2.17 6.26 -5.60
CA SER A 50 -0.86 6.85 -5.39
C SER A 50 -0.83 8.35 -5.71
N GLY A 51 -1.89 8.91 -6.24
CA GLY A 51 -1.89 10.32 -6.61
C GLY A 51 -2.57 11.19 -5.57
N CYS A 52 -3.62 10.68 -4.94
CA CYS A 52 -4.37 11.45 -3.95
C CYS A 52 -4.49 10.75 -2.61
N TYR A 53 -3.98 9.52 -2.48
CA TYR A 53 -3.97 8.75 -1.24
C TYR A 53 -5.37 8.40 -0.74
N ASN A 54 -6.40 8.57 -1.56
CA ASN A 54 -7.71 8.07 -1.21
C ASN A 54 -7.75 6.55 -1.39
N ALA A 55 -8.53 5.89 -0.54
CA ALA A 55 -8.56 4.44 -0.53
C ALA A 55 -9.52 3.90 -1.58
N PHE A 56 -9.20 2.70 -2.08
CA PHE A 56 -10.09 1.96 -2.96
C PHE A 56 -10.98 1.07 -2.09
N TYR A 57 -12.27 1.37 -2.04
CA TYR A 57 -13.19 0.65 -1.17
C TYR A 57 -13.82 -0.51 -1.92
N ALA A 58 -13.93 -1.64 -1.24
CA ALA A 58 -14.58 -2.81 -1.79
C ALA A 58 -16.10 -2.62 -1.79
N LYS A 59 -16.78 -3.59 -2.39
CA LYS A 59 -18.23 -3.54 -2.53
C LYS A 59 -18.89 -3.22 -1.19
N ASN A 60 -19.87 -2.33 -1.24
CA ASN A 60 -20.67 -1.96 -0.07
C ASN A 60 -19.77 -1.60 1.12
N LYS A 61 -18.76 -0.77 0.84
CA LYS A 61 -17.86 -0.30 1.89
C LYS A 61 -17.36 1.10 1.63
N CYS A 62 -18.13 1.92 0.90
CA CYS A 62 -17.71 3.27 0.57
C CYS A 62 -18.45 4.27 1.45
N PRO A 63 -17.75 5.08 2.25
CA PRO A 63 -18.44 6.08 3.07
C PRO A 63 -18.90 7.32 2.31
N GLU A 64 -18.43 7.51 1.08
CA GLU A 64 -18.85 8.66 0.29
C GLU A 64 -20.37 8.80 0.35
N PRO A 65 -20.90 9.97 0.73
CA PRO A 65 -22.33 10.03 1.10
C PRO A 65 -23.26 9.76 -0.06
N ASN A 66 -22.88 10.09 -1.29
CA ASN A 66 -23.77 9.98 -2.44
C ASN A 66 -23.16 9.10 -3.53
N CYS A 67 -22.34 8.12 -3.14
CA CYS A 67 -21.70 7.25 -4.12
C CYS A 67 -22.74 6.41 -4.85
N ARG A 68 -22.59 6.33 -6.18
CA ARG A 68 -23.49 5.57 -7.03
C ARG A 68 -22.90 4.25 -7.49
N VAL A 69 -21.66 3.94 -7.12
CA VAL A 69 -20.99 2.70 -7.53
C VAL A 69 -20.58 1.99 -6.24
N LYS A 70 -21.45 2.02 -5.23
CA LYS A 70 -21.07 1.55 -3.90
C LYS A 70 -20.72 0.07 -3.90
N LYS A 71 -21.36 -0.72 -4.76
CA LYS A 71 -21.20 -2.19 -4.73
C LYS A 71 -20.19 -2.64 -5.79
N SER A 72 -18.96 -2.16 -5.65
CA SER A 72 -17.85 -2.63 -6.47
C SER A 72 -16.58 -1.94 -5.99
N LEU A 73 -15.44 -2.57 -6.28
CA LEU A 73 -14.16 -1.99 -5.90
C LEU A 73 -13.90 -0.73 -6.72
N HIS A 74 -13.75 0.40 -6.05
CA HIS A 74 -13.60 1.67 -6.74
C HIS A 74 -12.95 2.67 -5.79
N GLY A 75 -12.52 3.80 -6.35
CA GLY A 75 -12.01 4.89 -5.56
C GLY A 75 -12.52 6.22 -6.09
N HIS A 76 -12.39 7.25 -5.27
CA HIS A 76 -12.78 8.60 -5.60
C HIS A 76 -11.55 9.50 -5.58
N HIS A 77 -11.44 10.37 -6.58
CA HIS A 77 -10.28 11.22 -6.72
C HIS A 77 -10.66 12.69 -6.76
N PRO A 78 -9.87 13.58 -6.17
CA PRO A 78 -10.06 15.01 -6.41
C PRO A 78 -9.68 15.37 -7.84
N ARG A 79 -10.14 16.54 -8.28
CA ARG A 79 -9.97 16.92 -9.67
C ARG A 79 -8.50 17.15 -10.04
N ASP A 80 -7.65 17.48 -9.07
CA ASP A 80 -6.23 17.70 -9.34
C ASP A 80 -5.38 16.47 -9.04
N CYS A 81 -6.01 15.30 -8.94
CA CYS A 81 -5.25 14.07 -8.79
C CYS A 81 -4.60 13.68 -10.11
N LEU A 82 -3.41 13.09 -10.01
CA LEU A 82 -2.74 12.55 -11.19
C LEU A 82 -3.63 11.56 -11.94
N PHE A 83 -4.58 10.94 -11.25
CA PHE A 83 -5.49 10.03 -11.93
C PHE A 83 -6.16 10.70 -13.11
N TYR A 84 -6.51 11.98 -12.97
CA TYR A 84 -7.12 12.74 -14.05
C TYR A 84 -6.07 13.49 -14.88
N LEU A 85 -5.12 14.15 -14.22
CA LEU A 85 -4.18 15.00 -14.94
C LEU A 85 -3.19 14.19 -15.79
N ARG A 86 -3.07 12.89 -15.54
CA ARG A 86 -2.25 12.05 -16.40
C ARG A 86 -2.80 11.98 -17.82
N ASP A 87 -4.10 12.27 -18.00
CA ASP A 87 -4.72 12.21 -19.32
C ASP A 87 -4.70 13.55 -20.04
N TRP A 88 -4.24 14.61 -19.39
CA TRP A 88 -4.01 15.87 -20.09
C TRP A 88 -2.82 15.77 -21.02
N THR A 89 -2.82 16.59 -22.05
CA THR A 89 -1.62 16.75 -22.86
C THR A 89 -0.55 17.46 -22.05
N ALA A 90 0.71 17.14 -22.33
CA ALA A 90 1.80 17.82 -21.65
C ALA A 90 1.69 19.32 -21.83
N LEU A 91 1.22 19.76 -22.99
CA LEU A 91 1.11 21.18 -23.27
C LEU A 91 0.11 21.85 -22.34
N ARG A 92 -1.02 21.19 -22.08
CA ARG A 92 -2.03 21.77 -21.20
C ARG A 92 -1.53 21.84 -19.77
N LEU A 93 -0.81 20.82 -19.32
CA LEU A 93 -0.19 20.86 -18.00
C LEU A 93 0.84 21.98 -17.92
N GLN A 94 1.63 22.16 -18.98
CA GLN A 94 2.62 23.24 -18.99
C GLN A 94 1.94 24.60 -18.97
N LYS A 95 0.83 24.74 -19.70
CA LYS A 95 0.09 26.01 -19.69
C LYS A 95 -0.35 26.38 -18.28
N LEU A 96 -0.87 25.40 -17.53
CA LEU A 96 -1.29 25.67 -16.17
C LEU A 96 -0.14 26.19 -15.32
N LEU A 97 1.05 25.60 -15.50
CA LEU A 97 2.21 26.04 -14.75
C LEU A 97 2.67 27.42 -15.20
N GLN A 98 2.70 27.66 -16.51
CA GLN A 98 3.17 28.96 -17.01
C GLN A 98 2.24 30.09 -16.57
N ASP A 99 0.92 29.85 -16.63
CA ASP A 99 -0.02 30.87 -16.18
C ASP A 99 0.23 31.28 -14.74
N ASN A 100 0.82 30.39 -13.95
CA ASN A 100 1.13 30.68 -12.55
C ASN A 100 2.61 30.92 -12.33
N ASN A 101 3.36 31.20 -13.40
N ASN A 101 3.35 31.20 -13.40
CA ASN A 101 4.77 31.59 -13.29
CA ASN A 101 4.77 31.57 -13.32
C ASN A 101 5.58 30.54 -12.55
C ASN A 101 5.57 30.54 -12.53
N VAL A 102 5.24 29.27 -12.74
CA VAL A 102 5.97 28.16 -12.13
C VAL A 102 6.93 27.61 -13.17
N MET A 103 8.23 27.62 -12.84
CA MET A 103 9.24 27.09 -13.72
C MET A 103 9.08 25.58 -13.86
N PHE A 104 9.31 25.08 -15.08
CA PHE A 104 9.33 23.66 -15.34
C PHE A 104 10.39 23.37 -16.40
N ASN A 105 11.02 22.20 -16.31
CA ASN A 105 12.05 21.84 -17.25
C ASN A 105 11.43 21.21 -18.50
N THR A 106 12.04 21.52 -19.65
CA THR A 106 11.80 20.79 -20.88
C THR A 106 13.04 20.05 -21.34
N GLU A 107 14.18 20.30 -20.72
CA GLU A 107 15.46 19.68 -21.04
C GLU A 107 16.05 19.10 -19.77
N PRO A 108 16.88 18.07 -19.88
CA PRO A 108 17.49 17.48 -18.69
C PRO A 108 18.31 18.50 -17.95
N PRO A 109 18.15 18.62 -16.61
CA PRO A 109 18.99 19.55 -15.86
C PRO A 109 20.42 19.05 -15.71
N GLY A 119 16.89 5.58 -23.06
CA GLY A 119 15.55 5.38 -22.51
C GLY A 119 15.38 6.02 -21.15
N CYS A 120 14.12 6.15 -20.70
CA CYS A 120 13.83 6.73 -19.40
C CYS A 120 14.47 5.89 -18.30
N ARG A 121 15.08 6.56 -17.32
CA ARG A 121 15.86 5.88 -16.29
C ARG A 121 15.13 5.78 -14.96
N VAL A 122 13.84 6.11 -14.92
CA VAL A 122 13.08 5.89 -13.70
C VAL A 122 13.06 4.39 -13.42
N ILE A 123 13.29 4.04 -12.15
CA ILE A 123 13.46 2.65 -11.75
C ILE A 123 12.12 2.15 -11.22
N GLU A 124 11.67 1.01 -11.76
CA GLU A 124 10.42 0.37 -11.39
C GLU A 124 10.69 -1.09 -11.02
N GLN A 125 9.62 -1.79 -10.65
CA GLN A 125 9.70 -3.21 -10.32
C GLN A 125 9.16 -4.06 -11.46
N ARG A 133 11.28 -8.24 -10.18
CA ARG A 133 12.60 -7.76 -10.56
C ARG A 133 12.58 -6.23 -10.61
N ASP A 134 13.64 -5.61 -10.10
CA ASP A 134 13.74 -4.14 -10.06
C ASP A 134 14.44 -3.69 -11.33
N GLU A 135 13.70 -3.05 -12.24
CA GLU A 135 14.25 -2.65 -13.53
C GLU A 135 13.86 -1.24 -13.89
N ALA A 136 14.62 -0.66 -14.82
CA ALA A 136 14.42 0.71 -15.27
C ALA A 136 13.25 0.81 -16.25
N CYS A 137 12.67 2.00 -16.34
CA CYS A 137 11.58 2.25 -17.27
C CYS A 137 12.02 1.96 -18.71
N GLY A 138 12.99 2.73 -19.19
CA GLY A 138 13.57 2.50 -20.51
C GLY A 138 12.70 2.86 -21.69
N LYS A 139 11.61 3.58 -21.51
CA LYS A 139 10.77 3.94 -22.64
C LYS A 139 11.33 5.16 -23.37
N GLU A 140 10.79 5.42 -24.55
CA GLU A 140 11.23 6.56 -25.34
C GLU A 140 11.16 7.85 -24.53
N THR A 141 12.21 8.65 -24.66
CA THR A 141 12.32 9.94 -23.98
C THR A 141 12.32 11.03 -25.05
N PRO A 142 11.15 11.51 -25.48
CA PRO A 142 11.11 12.48 -26.57
C PRO A 142 11.69 13.82 -26.16
N ALA A 143 12.13 14.58 -27.17
CA ALA A 143 12.62 15.92 -26.94
C ALA A 143 11.53 16.77 -26.28
N GLY A 144 11.96 17.76 -25.51
CA GLY A 144 11.05 18.61 -24.78
C GLY A 144 10.49 18.00 -23.51
N TYR A 145 10.76 16.73 -23.24
CA TYR A 145 10.26 16.06 -22.04
C TYR A 145 11.36 15.86 -21.01
N ALA A 146 12.45 16.64 -21.09
CA ALA A 146 13.47 16.69 -20.05
C ALA A 146 14.09 15.32 -19.80
N GLY A 147 14.26 14.54 -20.87
CA GLY A 147 14.89 13.25 -20.75
C GLY A 147 14.05 12.19 -20.07
N LEU A 148 12.73 12.35 -20.07
CA LEU A 148 11.82 11.35 -19.51
C LEU A 148 10.82 10.93 -20.58
N CYS A 149 10.13 9.83 -20.29
CA CYS A 149 9.07 9.37 -21.17
C CYS A 149 7.81 10.22 -20.96
N GLN A 150 6.84 10.02 -21.85
CA GLN A 150 5.62 10.81 -21.81
C GLN A 150 4.96 10.72 -20.44
N ALA A 151 4.83 9.51 -19.90
CA ALA A 151 4.08 9.32 -18.67
C ALA A 151 4.82 9.89 -17.47
N HIS A 152 6.13 9.66 -17.38
CA HIS A 152 6.88 10.17 -16.25
C HIS A 152 7.06 11.68 -16.32
N TYR A 153 7.18 12.23 -17.53
CA TYR A 153 7.25 13.68 -17.66
C TYR A 153 5.94 14.32 -17.19
N LYS A 154 4.81 13.72 -17.54
CA LYS A 154 3.53 14.25 -17.06
C LYS A 154 3.44 14.14 -15.54
N GLU A 155 3.94 13.03 -14.97
CA GLU A 155 3.99 12.93 -13.51
C GLU A 155 4.84 14.04 -12.92
N TYR A 156 5.98 14.34 -13.55
CA TYR A 156 6.81 15.45 -13.10
C TYR A 156 6.03 16.75 -13.10
N LEU A 157 5.37 17.06 -14.21
CA LEU A 157 4.60 18.30 -14.29
C LEU A 157 3.47 18.33 -13.26
N VAL A 158 2.79 17.20 -13.08
CA VAL A 158 1.69 17.16 -12.12
C VAL A 158 2.19 17.33 -10.70
N SER A 159 3.43 16.91 -10.41
CA SER A 159 3.98 17.12 -9.09
C SER A 159 4.24 18.59 -8.81
N LEU A 160 4.68 19.33 -9.84
CA LEU A 160 4.78 20.78 -9.71
C LEU A 160 3.40 21.39 -9.52
N ILE A 161 2.43 20.97 -10.32
CA ILE A 161 1.07 21.47 -10.19
C ILE A 161 0.57 21.26 -8.76
N ASN A 162 0.73 20.04 -8.24
CA ASN A 162 0.26 19.74 -6.89
C ASN A 162 1.04 20.51 -5.84
N ALA A 163 2.36 20.63 -6.02
CA ALA A 163 3.18 21.33 -5.03
C ALA A 163 2.70 22.77 -4.85
N HIS A 164 2.24 23.40 -5.93
CA HIS A 164 1.76 24.77 -5.88
C HIS A 164 0.25 24.86 -5.71
N SER A 165 -0.44 23.72 -5.57
CA SER A 165 -1.88 23.71 -5.36
C SER A 165 -2.60 24.48 -6.47
N LEU A 166 -2.16 24.28 -7.71
CA LEU A 166 -2.81 24.91 -8.84
C LEU A 166 -4.10 24.16 -9.19
N ASP A 167 -5.11 24.92 -9.60
CA ASP A 167 -6.43 24.37 -9.83
C ASP A 167 -6.62 24.09 -11.31
N PRO A 168 -6.68 22.82 -11.75
CA PRO A 168 -6.87 22.56 -13.18
C PRO A 168 -8.19 23.05 -13.73
N ALA A 169 -9.18 23.32 -12.88
CA ALA A 169 -10.46 23.80 -13.38
C ALA A 169 -10.31 25.10 -14.15
N THR A 170 -9.26 25.88 -13.86
CA THR A 170 -9.07 27.15 -14.56
C THR A 170 -8.78 26.97 -16.04
N LEU A 171 -8.52 25.75 -16.50
CA LEU A 171 -8.31 25.47 -17.91
C LEU A 171 -9.40 24.58 -18.49
N TYR A 172 -10.44 24.28 -17.72
CA TYR A 172 -11.52 23.42 -18.20
C TYR A 172 -12.30 24.11 -19.32
N GLU A 173 -12.76 23.31 -20.27
CA GLU A 173 -13.83 23.73 -21.17
C GLU A 173 -15.17 23.56 -20.47
N VAL A 174 -16.24 24.04 -21.12
CA VAL A 174 -17.56 23.97 -20.49
C VAL A 174 -17.95 22.52 -20.25
N GLU A 175 -17.57 21.61 -21.16
CA GLU A 175 -17.98 20.21 -21.03
C GLU A 175 -17.31 19.55 -19.83
N GLU A 176 -16.08 19.95 -19.52
CA GLU A 176 -15.40 19.41 -18.34
C GLU A 176 -15.94 20.04 -17.06
N LEU A 177 -16.38 21.29 -17.12
CA LEU A 177 -17.02 21.90 -15.96
C LEU A 177 -18.36 21.27 -15.68
N GLU A 178 -19.09 20.90 -16.74
CA GLU A 178 -20.36 20.20 -16.55
C GLU A 178 -20.14 18.85 -15.90
N THR A 179 -19.19 18.07 -16.40
CA THR A 179 -18.86 16.79 -15.79
C THR A 179 -18.41 16.98 -14.34
N ALA A 180 -17.55 17.95 -14.09
CA ALA A 180 -17.07 18.18 -12.72
C ALA A 180 -18.21 18.57 -11.80
N THR A 181 -19.13 19.40 -12.27
CA THR A 181 -20.27 19.78 -11.44
C THR A 181 -21.08 18.55 -11.06
N GLU A 182 -21.30 17.63 -12.00
CA GLU A 182 -22.01 16.40 -11.71
C GLU A 182 -21.23 15.54 -10.73
N ARG A 183 -19.95 15.32 -11.01
CA ARG A 183 -19.14 14.42 -10.21
C ARG A 183 -18.99 14.90 -8.78
N TYR A 184 -18.79 16.20 -8.58
CA TYR A 184 -18.44 16.71 -7.26
C TYR A 184 -19.58 17.42 -6.55
N LEU A 185 -20.58 17.94 -7.27
CA LEU A 185 -21.73 18.57 -6.66
C LEU A 185 -23.03 17.81 -6.89
N HIS A 186 -23.01 16.74 -7.68
CA HIS A 186 -24.14 15.84 -7.86
C HIS A 186 -25.36 16.55 -8.45
N VAL A 187 -25.14 17.62 -9.22
CA VAL A 187 -26.20 18.29 -9.96
C VAL A 187 -25.76 18.39 -11.41
N ARG A 188 -26.71 18.20 -12.33
CA ARG A 188 -26.43 18.35 -13.75
C ARG A 188 -26.75 19.78 -14.20
N PRO A 189 -25.74 20.61 -14.43
CA PRO A 189 -26.01 22.00 -14.78
C PRO A 189 -26.51 22.14 -16.20
N GLN A 190 -27.21 23.24 -16.44
CA GLN A 190 -27.78 23.56 -17.73
C GLN A 190 -27.60 25.06 -17.96
N PRO A 191 -27.28 25.47 -19.18
CA PRO A 191 -27.13 26.90 -19.44
C PRO A 191 -28.46 27.62 -19.28
N LEU A 192 -28.39 28.87 -18.82
CA LEU A 192 -29.56 29.69 -18.60
C LEU A 192 -29.94 30.42 -19.89
N ALA A 193 -31.24 30.64 -20.06
CA ALA A 193 -31.75 31.28 -21.27
C ALA A 193 -31.01 32.59 -21.54
N GLY A 194 -30.46 32.70 -22.74
CA GLY A 194 -29.73 33.89 -23.12
C GLY A 194 -28.37 34.04 -22.45
N GLU A 195 -27.78 32.96 -21.99
CA GLU A 195 -26.47 32.99 -21.33
C GLU A 195 -25.40 32.60 -22.34
N ASP A 196 -24.59 33.56 -22.76
CA ASP A 196 -23.52 33.30 -23.69
C ASP A 196 -22.55 32.27 -23.10
N PRO A 197 -21.78 31.58 -23.96
CA PRO A 197 -20.89 30.52 -23.46
C PRO A 197 -19.89 31.05 -22.46
N PRO A 198 -19.28 32.21 -22.70
CA PRO A 198 -18.34 32.74 -21.69
C PRO A 198 -18.95 32.86 -20.32
N ALA A 199 -20.19 33.36 -20.21
CA ALA A 199 -20.81 33.51 -18.90
C ALA A 199 -21.11 32.14 -18.30
N TYR A 200 -21.68 31.23 -19.09
CA TYR A 200 -21.94 29.88 -18.61
C TYR A 200 -20.67 29.24 -18.07
N GLN A 201 -19.60 29.32 -18.85
CA GLN A 201 -18.31 28.77 -18.41
C GLN A 201 -17.88 29.38 -17.09
N ALA A 202 -17.96 30.70 -16.97
CA ALA A 202 -17.49 31.37 -15.75
C ALA A 202 -18.41 31.09 -14.57
N ARG A 203 -19.70 30.85 -14.82
CA ARG A 203 -20.60 30.52 -13.73
C ARG A 203 -20.28 29.14 -13.17
N LEU A 204 -20.10 28.15 -14.05
CA LEU A 204 -19.74 26.81 -13.59
C LEU A 204 -18.40 26.83 -12.86
N LEU A 205 -17.40 27.52 -13.43
CA LEU A 205 -16.09 27.61 -12.79
C LEU A 205 -16.20 28.24 -11.41
N GLN A 206 -16.88 29.39 -11.32
CA GLN A 206 -17.05 30.06 -10.04
C GLN A 206 -17.68 29.14 -9.01
N LYS A 207 -18.70 28.40 -9.42
CA LYS A 207 -19.39 27.51 -8.48
C LYS A 207 -18.47 26.40 -8.00
N LEU A 208 -17.83 25.70 -8.93
CA LEU A 208 -16.95 24.60 -8.58
C LEU A 208 -15.81 25.07 -7.68
N THR A 209 -15.19 26.20 -8.03
CA THR A 209 -14.09 26.72 -7.22
C THR A 209 -14.52 26.98 -5.78
N GLU A 210 -15.69 27.58 -5.60
CA GLU A 210 -16.12 27.96 -4.26
C GLU A 210 -16.44 26.76 -3.39
N GLU A 211 -17.06 25.73 -3.98
CA GLU A 211 -17.65 24.66 -3.19
C GLU A 211 -16.74 23.45 -3.02
N VAL A 212 -15.98 23.09 -4.03
CA VAL A 212 -15.20 21.85 -4.03
C VAL A 212 -13.73 22.21 -3.86
N PRO A 213 -13.08 21.79 -2.78
CA PRO A 213 -11.64 22.06 -2.64
C PRO A 213 -10.80 21.07 -3.41
N LEU A 214 -9.54 21.44 -3.59
CA LEU A 214 -8.58 20.55 -4.22
C LEU A 214 -8.27 19.38 -3.28
N GLY A 215 -7.52 18.40 -3.78
CA GLY A 215 -7.22 17.21 -3.02
C GLY A 215 -6.68 17.49 -1.63
N GLN A 216 -7.33 16.96 -0.61
CA GLN A 216 -6.95 17.23 0.76
C GLN A 216 -5.87 16.30 1.28
N SER A 217 -5.66 15.15 0.63
CA SER A 217 -4.62 14.22 1.03
C SER A 217 -3.59 14.00 -0.08
N ILE A 218 -3.66 14.77 -1.16
CA ILE A 218 -2.62 14.69 -2.19
C ILE A 218 -1.28 14.99 -1.53
N PRO A 219 -0.24 14.16 -1.74
CA PRO A 219 1.08 14.49 -1.19
C PRO A 219 1.74 15.61 -1.98
N ARG A 220 1.70 16.82 -1.43
CA ARG A 220 2.20 18.01 -2.13
C ARG A 220 3.63 18.28 -1.70
N ARG A 221 4.55 18.27 -2.67
CA ARG A 221 5.96 18.47 -2.39
C ARG A 221 6.22 19.97 -2.17
N ARG A 222 7.45 20.31 -1.86
CA ARG A 222 7.80 21.70 -1.63
C ARG A 222 7.91 22.45 -2.96
N LYS A 223 7.68 23.77 -2.89
CA LYS A 223 7.65 24.63 -4.07
C LYS A 223 9.02 25.20 -4.39
N GLY B 10 -14.36 -11.73 23.82
CA GLY B 10 -13.91 -13.10 23.72
C GLY B 10 -12.49 -13.20 23.19
N LEU B 11 -12.35 -13.70 21.97
CA LEU B 11 -11.03 -13.75 21.34
C LEU B 11 -10.56 -12.38 20.89
N ALA B 12 -11.49 -11.42 20.73
CA ALA B 12 -11.07 -10.05 20.43
C ALA B 12 -10.19 -9.51 21.55
N MET B 13 -10.52 -9.81 22.80
CA MET B 13 -9.71 -9.34 23.91
C MET B 13 -8.40 -10.11 24.03
N TYR B 14 -8.39 -11.39 23.63
CA TYR B 14 -7.14 -12.13 23.57
C TYR B 14 -6.18 -11.48 22.58
N LEU B 15 -6.71 -11.04 21.43
CA LEU B 15 -5.90 -10.32 20.45
C LEU B 15 -5.48 -8.94 20.97
N GLN B 16 -6.46 -8.16 21.43
CA GLN B 16 -6.17 -6.81 21.91
C GLN B 16 -5.13 -6.81 23.03
N GLU B 17 -5.03 -7.91 23.78
CA GLU B 17 -4.01 -8.06 24.79
C GLU B 17 -2.74 -8.70 24.26
N ASN B 18 -2.69 -9.01 22.96
CA ASN B 18 -1.48 -9.50 22.31
C ASN B 18 -0.45 -8.38 22.34
N GLY B 19 0.45 -8.42 23.31
CA GLY B 19 1.41 -7.35 23.48
C GLY B 19 2.30 -7.16 22.28
N ILE B 20 2.33 -5.92 21.77
CA ILE B 20 3.38 -5.49 20.86
C ILE B 20 4.39 -4.71 21.70
N ASP B 21 5.61 -5.22 21.77
CA ASP B 21 6.67 -4.64 22.58
C ASP B 21 7.78 -4.14 21.67
N CYS B 22 8.03 -2.85 21.70
CA CYS B 22 9.04 -2.26 20.84
C CYS B 22 10.40 -2.90 21.15
N PRO B 23 11.06 -3.52 20.17
CA PRO B 23 12.37 -4.14 20.48
C PRO B 23 13.40 -3.15 20.95
N LYS B 24 13.29 -1.87 20.58
CA LYS B 24 14.32 -0.90 20.90
C LYS B 24 14.12 -0.24 22.27
N CYS B 25 12.92 0.30 22.53
CA CYS B 25 12.67 1.01 23.77
C CYS B 25 11.80 0.25 24.75
N LYS B 26 11.28 -0.92 24.36
CA LYS B 26 10.50 -1.83 25.20
C LYS B 26 9.13 -1.29 25.59
N PHE B 27 8.67 -0.21 24.97
CA PHE B 27 7.31 0.27 25.24
C PHE B 27 6.30 -0.78 24.76
N SER B 28 5.23 -0.96 25.53
CA SER B 28 4.26 -2.01 25.29
C SER B 28 2.96 -1.41 24.78
N TYR B 29 2.52 -1.87 23.61
CA TYR B 29 1.24 -1.48 23.03
C TYR B 29 0.27 -2.66 23.10
N ALA B 30 -0.98 -2.36 23.48
CA ALA B 30 -2.01 -3.38 23.60
C ALA B 30 -2.88 -3.32 22.33
N LEU B 31 -2.34 -3.83 21.24
CA LEU B 31 -2.97 -3.71 19.94
C LEU B 31 -2.92 -5.04 19.21
N ALA B 32 -3.93 -5.29 18.39
CA ALA B 32 -3.93 -6.42 17.48
C ALA B 32 -3.24 -6.02 16.17
N ARG B 33 -2.67 -7.01 15.49
CA ARG B 33 -1.95 -6.74 14.26
C ARG B 33 -2.83 -6.83 13.02
N GLY B 34 -3.85 -7.68 13.06
CA GLY B 34 -4.60 -7.97 11.85
C GLY B 34 -3.65 -8.43 10.77
N GLY B 35 -3.64 -7.73 9.64
CA GLY B 35 -2.68 -7.98 8.58
C GLY B 35 -1.64 -6.90 8.41
N CYS B 36 -1.56 -5.93 9.33
CA CYS B 36 -0.61 -4.82 9.21
C CYS B 36 0.69 -5.19 9.92
N MET B 37 1.77 -5.29 9.16
N MET B 37 1.77 -5.30 9.16
CA MET B 37 3.04 -5.77 9.68
CA MET B 37 3.05 -5.76 9.68
C MET B 37 4.07 -4.67 9.94
C MET B 37 4.02 -4.64 10.02
N HIS B 38 3.82 -3.44 9.47
CA HIS B 38 4.76 -2.34 9.67
C HIS B 38 4.34 -1.55 10.90
N PHE B 39 5.14 -1.65 11.97
CA PHE B 39 4.87 -0.93 13.21
C PHE B 39 5.91 0.14 13.45
N HIS B 40 5.45 1.31 13.87
CA HIS B 40 6.30 2.48 14.11
C HIS B 40 6.06 2.93 15.54
N CYS B 41 7.11 2.84 16.36
CA CYS B 41 7.00 3.18 17.78
C CYS B 41 6.96 4.69 17.98
N THR B 42 5.92 5.17 18.64
CA THR B 42 5.82 6.60 18.94
C THR B 42 6.99 7.07 19.78
N GLN B 43 7.40 6.27 20.77
CA GLN B 43 8.35 6.75 21.77
C GLN B 43 9.75 6.93 21.19
N CYS B 44 10.20 5.96 20.39
CA CYS B 44 11.57 6.00 19.88
C CYS B 44 11.68 6.01 18.36
N ARG B 45 10.56 5.99 17.64
CA ARG B 45 10.53 6.10 16.18
C ARG B 45 11.08 4.88 15.47
N HIS B 46 11.23 3.77 16.18
CA HIS B 46 11.75 2.54 15.59
C HIS B 46 10.67 1.88 14.74
N GLN B 47 11.07 1.38 13.57
CA GLN B 47 10.16 0.72 12.63
C GLN B 47 10.54 -0.76 12.56
N PHE B 48 9.57 -1.63 12.83
CA PHE B 48 9.87 -3.05 12.91
C PHE B 48 8.63 -3.85 12.52
N CYS B 49 8.85 -5.14 12.25
CA CYS B 49 7.75 -6.04 11.95
C CYS B 49 7.08 -6.49 13.23
N SER B 50 5.78 -6.24 13.34
CA SER B 50 5.02 -6.63 14.53
C SER B 50 4.86 -8.14 14.66
N GLY B 51 5.27 -8.91 13.65
CA GLY B 51 5.14 -10.34 13.69
C GLY B 51 6.40 -11.06 14.11
N CYS B 52 7.56 -10.54 13.71
CA CYS B 52 8.84 -11.16 14.02
C CYS B 52 9.82 -10.24 14.72
N TYR B 53 9.47 -8.97 14.92
CA TYR B 53 10.28 -7.99 15.63
C TYR B 53 11.61 -7.71 14.94
N ASN B 54 11.80 -8.16 13.70
CA ASN B 54 12.94 -7.73 12.92
C ASN B 54 12.74 -6.29 12.47
N ALA B 55 13.85 -5.56 12.35
CA ALA B 55 13.78 -4.15 12.04
C ALA B 55 13.64 -3.92 10.54
N PHE B 56 13.00 -2.81 10.18
CA PHE B 56 12.95 -2.33 8.81
C PHE B 56 14.12 -1.37 8.61
N TYR B 57 15.08 -1.78 7.79
CA TYR B 57 16.30 -1.01 7.58
C TYR B 57 16.15 -0.07 6.39
N ALA B 58 16.66 1.15 6.53
CA ALA B 58 16.71 2.08 5.42
C ALA B 58 17.85 1.69 4.47
N LYS B 59 17.80 2.24 3.26
CA LYS B 59 18.71 1.82 2.21
C LYS B 59 20.16 1.94 2.68
N ASN B 60 20.95 0.89 2.43
CA ASN B 60 22.37 0.79 2.73
C ASN B 60 22.63 0.41 4.19
N LYS B 61 21.58 0.23 5.00
CA LYS B 61 21.76 0.01 6.43
C LYS B 61 21.45 -1.43 6.85
N CYS B 62 21.31 -2.36 5.91
CA CYS B 62 20.93 -3.73 6.25
C CYS B 62 22.17 -4.54 6.60
N PRO B 63 22.27 -5.06 7.83
CA PRO B 63 23.43 -5.91 8.18
C PRO B 63 23.30 -7.34 7.67
N GLU B 64 22.12 -7.76 7.25
CA GLU B 64 21.92 -9.12 6.77
C GLU B 64 23.01 -9.47 5.76
N PRO B 65 23.74 -10.57 5.95
CA PRO B 65 25.02 -10.73 5.22
C PRO B 65 24.88 -10.85 3.72
N ASN B 66 23.76 -11.39 3.21
CA ASN B 66 23.61 -11.65 1.78
C ASN B 66 22.40 -10.93 1.21
N CYS B 67 22.04 -9.79 1.77
CA CYS B 67 20.87 -9.05 1.31
C CYS B 67 21.06 -8.56 -0.12
N ARG B 68 20.02 -8.73 -0.94
CA ARG B 68 20.03 -8.31 -2.33
C ARG B 68 19.23 -7.04 -2.59
N VAL B 69 18.59 -6.48 -1.56
CA VAL B 69 17.78 -5.27 -1.71
C VAL B 69 18.31 -4.22 -0.75
N LYS B 70 19.64 -4.11 -0.67
CA LYS B 70 20.26 -3.29 0.37
C LYS B 70 19.86 -1.82 0.26
N LYS B 71 19.61 -1.33 -0.95
CA LYS B 71 19.42 0.10 -1.17
C LYS B 71 17.93 0.45 -1.24
N SER B 72 17.22 0.18 -0.16
CA SER B 72 15.83 0.62 -0.02
C SER B 72 15.33 0.20 1.35
N LEU B 73 14.26 0.86 1.80
CA LEU B 73 13.62 0.52 3.07
C LEU B 73 12.96 -0.85 2.96
N HIS B 74 13.41 -1.80 3.78
CA HIS B 74 12.90 -3.17 3.70
C HIS B 74 13.18 -3.88 5.01
N GLY B 75 12.56 -5.05 5.16
CA GLY B 75 12.80 -5.91 6.30
C GLY B 75 12.87 -7.37 5.87
N HIS B 76 13.40 -8.19 6.77
CA HIS B 76 13.51 -9.62 6.56
C HIS B 76 12.70 -10.37 7.60
N HIS B 77 11.98 -11.39 7.17
CA HIS B 77 11.09 -12.13 8.06
C HIS B 77 11.44 -13.62 8.08
N PRO B 78 11.32 -14.27 9.23
CA PRO B 78 11.40 -15.73 9.25
C PRO B 78 10.17 -16.35 8.59
N ARG B 79 10.29 -17.63 8.25
CA ARG B 79 9.23 -18.28 7.48
C ARG B 79 7.94 -18.42 8.26
N ASP B 80 8.00 -18.44 9.60
CA ASP B 80 6.80 -18.55 10.42
C ASP B 80 6.32 -17.20 10.94
N CYS B 81 6.77 -16.10 10.34
CA CYS B 81 6.25 -14.80 10.69
C CYS B 81 4.84 -14.62 10.14
N LEU B 82 4.02 -13.90 10.89
CA LEU B 82 2.69 -13.54 10.41
C LEU B 82 2.75 -12.82 9.08
N PHE B 83 3.88 -12.18 8.75
CA PHE B 83 4.03 -11.53 7.46
C PHE B 83 3.74 -12.51 6.33
N TYR B 84 4.18 -13.76 6.47
CA TYR B 84 3.93 -14.77 5.46
C TYR B 84 2.65 -15.55 5.74
N LEU B 85 2.43 -15.98 6.99
CA LEU B 85 1.31 -16.85 7.29
C LEU B 85 -0.03 -16.13 7.21
N ARG B 86 -0.04 -14.80 7.21
CA ARG B 86 -1.29 -14.06 7.02
C ARG B 86 -1.89 -14.31 5.64
N ASP B 87 -1.08 -14.75 4.68
CA ASP B 87 -1.56 -14.99 3.32
C ASP B 87 -1.97 -16.44 3.11
N TRP B 88 -1.79 -17.31 4.10
CA TRP B 88 -2.33 -18.65 4.01
C TRP B 88 -3.86 -18.61 4.13
N THR B 89 -4.50 -19.64 3.60
CA THR B 89 -5.92 -19.84 3.86
C THR B 89 -6.10 -20.24 5.31
N ALA B 90 -7.24 -19.85 5.89
CA ALA B 90 -7.53 -20.23 7.27
C ALA B 90 -7.49 -21.75 7.42
N LEU B 91 -7.95 -22.48 6.40
CA LEU B 91 -7.97 -23.93 6.47
C LEU B 91 -6.56 -24.51 6.57
N ARG B 92 -5.62 -23.94 5.83
CA ARG B 92 -4.24 -24.44 5.86
C ARG B 92 -3.61 -24.20 7.22
N LEU B 93 -3.86 -23.04 7.81
CA LEU B 93 -3.36 -22.76 9.16
C LEU B 93 -3.97 -23.73 10.15
N GLN B 94 -5.26 -24.03 10.01
CA GLN B 94 -5.92 -24.96 10.91
C GLN B 94 -5.33 -26.36 10.76
N LYS B 95 -5.01 -26.76 9.53
CA LYS B 95 -4.40 -28.07 9.31
C LYS B 95 -3.09 -28.19 10.08
N LEU B 96 -2.26 -27.16 10.04
CA LEU B 96 -1.01 -27.18 10.79
C LEU B 96 -1.27 -27.37 12.27
N LEU B 97 -2.28 -26.68 12.81
CA LEU B 97 -2.60 -26.80 14.23
C LEU B 97 -3.19 -28.17 14.56
N GLN B 98 -4.11 -28.66 13.73
CA GLN B 98 -4.74 -29.94 14.01
C GLN B 98 -3.72 -31.08 13.94
N ASP B 99 -2.83 -31.04 12.94
CA ASP B 99 -1.80 -32.06 12.83
C ASP B 99 -0.95 -32.15 14.09
N ASN B 100 -0.85 -31.06 14.85
CA ASN B 100 -0.09 -31.02 16.09
C ASN B 100 -0.98 -31.03 17.32
N ASN B 101 -2.24 -31.42 17.15
CA ASN B 101 -3.19 -31.55 18.26
C ASN B 101 -3.24 -30.31 19.13
N VAL B 102 -3.26 -29.15 18.49
CA VAL B 102 -3.47 -27.87 19.18
C VAL B 102 -4.92 -27.46 18.97
N MET B 103 -5.64 -27.26 20.07
CA MET B 103 -7.03 -26.82 19.98
C MET B 103 -7.11 -25.41 19.42
N PHE B 104 -8.14 -25.16 18.63
CA PHE B 104 -8.43 -23.81 18.13
C PHE B 104 -9.94 -23.67 18.01
N ASN B 105 -10.42 -22.45 18.24
CA ASN B 105 -11.85 -22.18 18.19
C ASN B 105 -12.31 -21.91 16.75
N THR B 106 -13.51 -22.39 16.44
CA THR B 106 -14.22 -21.98 15.23
C THR B 106 -15.50 -21.20 15.52
N GLU B 107 -15.96 -21.20 16.77
CA GLU B 107 -17.15 -20.47 17.20
C GLU B 107 -16.81 -19.65 18.44
N PRO B 108 -17.54 -18.56 18.67
CA PRO B 108 -17.23 -17.70 19.83
C PRO B 108 -17.29 -18.47 21.14
N PRO B 109 -16.26 -18.33 22.01
CA PRO B 109 -16.32 -18.98 23.33
C PRO B 109 -17.26 -18.25 24.29
N GLY B 119 -20.48 -7.56 13.62
CA GLY B 119 -19.16 -7.29 13.07
C GLY B 119 -18.03 -7.62 14.03
N CYS B 120 -16.81 -7.66 13.49
CA CYS B 120 -15.64 -7.95 14.30
C CYS B 120 -15.44 -6.89 15.37
N ARG B 121 -15.08 -7.34 16.57
CA ARG B 121 -14.99 -6.46 17.74
C ARG B 121 -13.55 -6.11 18.12
N VAL B 122 -12.57 -6.46 17.29
CA VAL B 122 -11.21 -6.02 17.56
C VAL B 122 -11.14 -4.50 17.52
N ILE B 123 -10.45 -3.93 18.50
CA ILE B 123 -10.39 -2.48 18.67
C ILE B 123 -9.10 -1.97 18.07
N GLU B 124 -9.21 -1.00 17.15
CA GLU B 124 -8.07 -0.33 16.56
C GLU B 124 -8.31 1.17 16.70
N GLN B 125 -7.30 1.99 16.39
CA GLN B 125 -7.51 3.43 16.36
C GLN B 125 -7.35 3.98 14.94
N ARG B 133 -8.52 7.34 16.69
CA ARG B 133 -9.48 7.07 17.76
C ARG B 133 -9.97 5.62 17.74
N ASP B 134 -10.27 5.11 18.94
CA ASP B 134 -10.51 3.69 19.13
C ASP B 134 -11.93 3.31 18.70
N GLU B 135 -12.01 2.58 17.60
CA GLU B 135 -13.26 2.06 17.06
C GLU B 135 -13.05 0.60 16.69
N ALA B 136 -14.14 -0.15 16.62
CA ALA B 136 -14.02 -1.57 16.34
C ALA B 136 -13.75 -1.81 14.86
N CYS B 137 -13.15 -2.97 14.57
CA CYS B 137 -12.92 -3.38 13.19
C CYS B 137 -14.23 -3.40 12.42
N GLY B 138 -15.21 -4.17 12.90
CA GLY B 138 -16.52 -4.16 12.30
C GLY B 138 -16.61 -4.83 10.96
N LYS B 139 -15.60 -5.62 10.59
CA LYS B 139 -15.60 -6.28 9.29
C LYS B 139 -16.44 -7.56 9.35
N GLU B 140 -16.70 -8.10 8.16
CA GLU B 140 -17.51 -9.30 8.04
C GLU B 140 -16.95 -10.41 8.92
N THR B 141 -17.84 -11.11 9.64
CA THR B 141 -17.46 -12.20 10.53
C THR B 141 -18.04 -13.51 10.01
N PRO B 142 -17.34 -14.20 9.12
CA PRO B 142 -17.90 -15.45 8.57
C PRO B 142 -17.93 -16.55 9.61
N ALA B 143 -18.90 -17.44 9.45
CA ALA B 143 -19.00 -18.60 10.33
C ALA B 143 -17.70 -19.39 10.27
N GLY B 144 -17.44 -20.15 11.34
CA GLY B 144 -16.22 -20.90 11.47
C GLY B 144 -14.98 -20.07 11.77
N TYR B 145 -15.08 -18.75 11.76
CA TYR B 145 -13.98 -17.87 12.10
C TYR B 145 -14.10 -17.31 13.51
N ALA B 146 -14.88 -17.98 14.36
CA ALA B 146 -14.96 -17.66 15.79
C ALA B 146 -15.43 -16.24 16.05
N GLY B 147 -16.32 -15.73 15.21
CA GLY B 147 -16.86 -14.40 15.43
C GLY B 147 -15.88 -13.28 15.17
N LEU B 148 -14.85 -13.53 14.37
CA LEU B 148 -13.87 -12.53 14.01
C LEU B 148 -13.81 -12.39 12.50
N CYS B 149 -13.15 -11.33 12.05
CA CYS B 149 -12.97 -11.15 10.62
C CYS B 149 -11.89 -12.09 10.11
N GLN B 150 -11.77 -12.17 8.79
CA GLN B 150 -10.82 -13.08 8.17
C GLN B 150 -9.41 -12.81 8.69
N ALA B 151 -9.00 -11.54 8.71
CA ALA B 151 -7.62 -11.21 9.05
C ALA B 151 -7.34 -11.45 10.53
N HIS B 152 -8.27 -11.06 11.40
CA HIS B 152 -8.07 -11.24 12.83
C HIS B 152 -8.14 -12.70 13.24
N TYR B 153 -8.99 -13.49 12.58
CA TYR B 153 -9.01 -14.92 12.85
C TYR B 153 -7.69 -15.57 12.45
N LYS B 154 -7.14 -15.18 11.31
CA LYS B 154 -5.85 -15.72 10.88
C LYS B 154 -4.74 -15.32 11.84
N GLU B 155 -4.78 -14.08 12.35
CA GLU B 155 -3.83 -13.68 13.38
C GLU B 155 -3.95 -14.56 14.61
N TYR B 156 -5.19 -14.87 15.01
CA TYR B 156 -5.41 -15.77 16.14
C TYR B 156 -4.78 -17.13 15.88
N LEU B 157 -5.04 -17.71 14.69
CA LEU B 157 -4.45 -19.00 14.37
C LEU B 157 -2.93 -18.93 14.37
N VAL B 158 -2.37 -17.86 13.80
CA VAL B 158 -0.92 -17.74 13.75
C VAL B 158 -0.32 -17.54 15.13
N SER B 159 -1.07 -16.92 16.04
CA SER B 159 -0.56 -16.76 17.40
C SER B 159 -0.47 -18.11 18.10
N LEU B 160 -1.45 -18.99 17.86
CA LEU B 160 -1.34 -20.37 18.35
C LEU B 160 -0.17 -21.09 17.69
N ILE B 161 -0.05 -20.96 16.36
CA ILE B 161 1.06 -21.58 15.64
C ILE B 161 2.39 -21.12 16.23
N ASN B 162 2.55 -19.81 16.42
CA ASN B 162 3.81 -19.31 16.96
C ASN B 162 4.01 -19.76 18.41
N ALA B 163 2.93 -19.77 19.20
CA ALA B 163 3.05 -20.15 20.60
C ALA B 163 3.61 -21.56 20.74
N HIS B 164 3.24 -22.46 19.83
CA HIS B 164 3.69 -23.84 19.85
C HIS B 164 4.91 -24.08 18.97
N SER B 165 5.45 -23.03 18.35
CA SER B 165 6.66 -23.15 17.52
C SER B 165 6.48 -24.20 16.42
N LEU B 166 5.31 -24.20 15.79
CA LEU B 166 5.05 -25.11 14.69
C LEU B 166 5.71 -24.59 13.42
N ASP B 167 6.19 -25.52 12.60
CA ASP B 167 6.97 -25.15 11.42
C ASP B 167 6.08 -25.19 10.19
N PRO B 168 5.75 -24.05 9.57
CA PRO B 168 4.88 -24.09 8.38
C PRO B 168 5.50 -24.81 7.20
N ALA B 169 6.82 -25.00 7.19
CA ALA B 169 7.45 -25.72 6.08
C ALA B 169 6.90 -27.13 5.94
N THR B 170 6.35 -27.70 7.01
CA THR B 170 5.81 -29.05 6.94
C THR B 170 4.57 -29.14 6.05
N LEU B 171 4.00 -28.01 5.64
CA LEU B 171 2.87 -28.01 4.72
C LEU B 171 3.21 -27.37 3.37
N TYR B 172 4.47 -27.02 3.15
CA TYR B 172 4.86 -26.40 1.88
C TYR B 172 4.68 -27.36 0.71
N GLU B 173 4.30 -26.82 -0.43
CA GLU B 173 4.46 -27.51 -1.69
C GLU B 173 5.91 -27.33 -2.17
N VAL B 174 6.25 -28.04 -3.25
CA VAL B 174 7.63 -28.00 -3.73
C VAL B 174 8.01 -26.57 -4.13
N GLU B 175 7.06 -25.82 -4.69
CA GLU B 175 7.37 -24.47 -5.15
C GLU B 175 7.70 -23.55 -3.98
N GLU B 176 7.06 -23.77 -2.83
CA GLU B 176 7.34 -22.96 -1.64
C GLU B 176 8.65 -23.37 -0.98
N LEU B 177 9.02 -24.64 -1.06
CA LEU B 177 10.31 -25.08 -0.53
C LEU B 177 11.46 -24.54 -1.37
N GLU B 178 11.28 -24.47 -2.69
CA GLU B 178 12.33 -23.92 -3.55
C GLU B 178 12.56 -22.44 -3.24
N THR B 179 11.48 -21.66 -3.17
CA THR B 179 11.61 -20.24 -2.83
C THR B 179 12.26 -20.08 -1.47
N ALA B 180 11.83 -20.88 -0.49
CA ALA B 180 12.39 -20.77 0.86
C ALA B 180 13.87 -21.15 0.87
N THR B 181 14.26 -22.18 0.11
CA THR B 181 15.67 -22.54 0.04
C THR B 181 16.50 -21.38 -0.50
N GLU B 182 16.02 -20.71 -1.55
CA GLU B 182 16.70 -19.53 -2.06
C GLU B 182 16.69 -18.41 -1.04
N ARG B 183 15.52 -18.14 -0.44
CA ARG B 183 15.38 -16.98 0.42
C ARG B 183 16.31 -17.08 1.63
N TYR B 184 16.38 -18.27 2.24
CA TYR B 184 17.04 -18.45 3.52
C TYR B 184 18.38 -19.15 3.44
N LEU B 185 18.63 -19.93 2.39
CA LEU B 185 19.91 -20.58 2.20
C LEU B 185 20.68 -20.07 1.00
N HIS B 186 20.08 -19.18 0.21
CA HIS B 186 20.79 -18.50 -0.87
C HIS B 186 21.35 -19.49 -1.89
N VAL B 187 20.66 -20.61 -2.07
CA VAL B 187 20.99 -21.60 -3.07
C VAL B 187 19.77 -21.80 -3.96
N ARG B 188 20.01 -21.96 -5.25
CA ARG B 188 18.95 -22.18 -6.23
C ARG B 188 18.73 -23.69 -6.34
N PRO B 189 17.68 -24.24 -5.74
CA PRO B 189 17.54 -25.70 -5.75
C PRO B 189 17.10 -26.20 -7.12
N GLN B 190 17.49 -27.45 -7.41
CA GLN B 190 17.20 -28.09 -8.67
C GLN B 190 16.93 -29.56 -8.40
N PRO B 191 15.94 -30.17 -9.05
CA PRO B 191 15.71 -31.60 -8.85
C PRO B 191 16.86 -32.42 -9.42
N LEU B 192 17.22 -33.49 -8.70
CA LEU B 192 18.26 -34.40 -9.17
C LEU B 192 17.65 -35.59 -9.92
N PRO B 197 12.28 -37.23 -8.79
CA PRO B 197 11.00 -37.75 -8.30
C PRO B 197 10.38 -36.87 -7.21
N PRO B 198 9.31 -37.36 -6.57
CA PRO B 198 8.76 -36.66 -5.39
C PRO B 198 9.67 -36.71 -4.17
N ALA B 199 10.78 -37.45 -4.24
CA ALA B 199 11.82 -37.33 -3.22
C ALA B 199 12.24 -35.87 -3.05
N TYR B 200 12.30 -35.13 -4.17
CA TYR B 200 12.72 -33.73 -4.17
C TYR B 200 12.07 -32.93 -3.05
N GLN B 201 10.75 -33.04 -2.90
CA GLN B 201 10.07 -32.32 -1.83
C GLN B 201 10.67 -32.65 -0.47
N ALA B 202 10.90 -33.93 -0.19
CA ALA B 202 11.40 -34.32 1.12
C ALA B 202 12.84 -33.89 1.35
N ARG B 203 13.66 -33.80 0.30
CA ARG B 203 15.02 -33.33 0.47
C ARG B 203 15.06 -31.85 0.81
N LEU B 204 14.29 -31.04 0.06
CA LEU B 204 14.22 -29.61 0.37
C LEU B 204 13.71 -29.39 1.78
N LEU B 205 12.66 -30.12 2.16
CA LEU B 205 12.11 -29.98 3.51
C LEU B 205 13.14 -30.29 4.58
N GLN B 206 13.77 -31.46 4.47
CA GLN B 206 14.77 -31.85 5.46
C GLN B 206 15.90 -30.84 5.53
N LYS B 207 16.37 -30.36 4.39
CA LYS B 207 17.48 -29.41 4.37
C LYS B 207 17.09 -28.11 5.05
N LEU B 208 15.95 -27.53 4.65
CA LEU B 208 15.50 -26.27 5.24
C LEU B 208 15.28 -26.44 6.74
N THR B 209 14.63 -27.53 7.14
CA THR B 209 14.39 -27.79 8.56
C THR B 209 15.70 -27.85 9.35
N GLU B 210 16.70 -28.53 8.81
CA GLU B 210 17.95 -28.73 9.55
C GLU B 210 18.72 -27.42 9.70
N GLU B 211 18.73 -26.59 8.66
CA GLU B 211 19.66 -25.48 8.57
C GLU B 211 19.08 -24.16 9.08
N VAL B 212 17.80 -23.91 8.82
CA VAL B 212 17.19 -22.61 9.09
C VAL B 212 16.25 -22.75 10.29
N PRO B 213 16.49 -22.06 11.40
CA PRO B 213 15.54 -22.13 12.52
C PRO B 213 14.36 -21.20 12.31
N LEU B 214 13.33 -21.43 13.11
CA LEU B 214 12.17 -20.56 13.10
C LEU B 214 12.52 -19.21 13.70
N GLY B 215 11.59 -18.26 13.60
CA GLY B 215 11.82 -16.90 14.06
C GLY B 215 12.36 -16.85 15.48
N GLN B 216 13.51 -16.20 15.66
CA GLN B 216 14.18 -16.17 16.95
C GLN B 216 13.70 -15.03 17.84
N SER B 217 13.06 -14.01 17.29
CA SER B 217 12.52 -12.91 18.08
C SER B 217 11.00 -12.80 17.94
N ILE B 218 10.34 -13.76 17.30
CA ILE B 218 8.88 -13.77 17.26
C ILE B 218 8.35 -13.80 18.69
N PRO B 219 7.41 -12.93 19.06
CA PRO B 219 6.84 -13.01 20.41
C PRO B 219 5.89 -14.17 20.56
N ARG B 220 6.35 -15.25 21.19
CA ARG B 220 5.57 -16.48 21.31
C ARG B 220 4.84 -16.46 22.65
N ARG B 221 3.52 -16.51 22.60
CA ARG B 221 2.70 -16.50 23.80
C ARG B 221 2.69 -17.87 24.45
N ARG B 222 1.98 -17.98 25.58
CA ARG B 222 1.91 -19.23 26.31
C ARG B 222 0.97 -20.21 25.61
N LYS B 223 1.26 -21.49 25.80
CA LYS B 223 0.53 -22.57 25.13
C LYS B 223 -0.66 -23.06 25.94
C FHH C . 2.86 -0.54 -8.20
O FHH C . 3.68 0.15 -8.82
C1 FHH C . 1.23 -0.35 -10.05
C10 FHH C . 3.96 -2.17 -4.42
C11 FHH C . 6.31 -2.10 -4.77
C12 FHH C . 2.18 -1.49 -5.89
C13 FHH C . 6.02 -2.68 -3.38
C14 FHH C . 4.50 -2.74 -3.14
C2 FHH C . 0.91 1.17 -10.17
C3 FHH C . 0.82 1.91 -8.84
C4 FHH C . 1.93 2.90 -8.60
C6 FHH C . 4.29 2.92 -8.26
C7 FHH C . 3.22 -1.11 -6.84
C8 FHH C . 4.55 -1.29 -6.55
C9 FHH C . 4.95 -1.83 -5.31
N11 FHH C . 2.64 -2.01 -4.69
NA FHH C . 1.66 -0.81 -8.72
O13 FHH C . 0.96 -1.36 -6.09
O2 FHH C . 1.76 3.96 -7.98
O4 FHH C . 3.16 2.59 -9.11
ZN ZN D . 0.69 0.06 4.37
ZN ZN E . -6.39 9.70 -6.98
ZN ZN F . -17.84 5.35 -3.53
ZN ZN G . 9.63 6.59 -17.97
S SO4 H . -10.06 14.51 -0.87
O1 SO4 H . -9.52 13.95 -2.10
O2 SO4 H . -11.50 14.26 -0.82
O3 SO4 H . -9.39 13.89 0.28
O4 SO4 H . -9.82 15.95 -0.84
S SO4 I . 0.79 14.36 -25.00
O1 SO4 I . 0.71 14.11 -26.43
O2 SO4 I . -0.40 13.79 -24.35
O3 SO4 I . 1.98 13.72 -24.46
O4 SO4 I . 0.85 15.79 -24.76
S SO4 J . 10.16 17.33 -1.15
O1 SO4 J . 9.98 16.14 -1.98
O2 SO4 J . 9.38 18.44 -1.69
O3 SO4 J . 9.71 17.05 0.21
O4 SO4 J . 11.57 17.71 -1.13
S SO4 K . -8.71 -0.08 6.74
O1 SO4 K . -8.78 0.94 5.70
O2 SO4 K . -9.99 -0.79 6.79
O3 SO4 K . -8.45 0.55 8.03
O4 SO4 K . -7.65 -1.03 6.42
C1 EDO L . -13.06 16.68 -13.52
O1 EDO L . -12.77 15.51 -12.74
C2 EDO L . -13.50 16.26 -14.92
O2 EDO L . -14.00 17.40 -15.63
H21 EDO L . -14.27 15.50 -14.85
H22 EDO L . -12.65 15.83 -15.45
HO2 EDO L . -14.31 17.12 -16.50
C1 EDO M . 3.26 14.03 -5.77
O1 EDO M . 4.38 14.88 -5.58
C2 EDO M . 2.32 14.65 -6.79
O2 EDO M . 1.26 13.74 -7.05
H11 EDO M . 3.58 13.05 -6.12
H12 EDO M . 2.73 13.89 -4.82
HO1 EDO M . 5.00 14.45 -4.97
H21 EDO M . 1.92 15.60 -6.40
H22 EDO M . 2.86 14.88 -7.72
HO2 EDO M . 0.70 14.08 -7.77
C1 PGE N . 6.66 31.11 -16.72
O1 PGE N . 5.29 31.33 -16.61
C2 PGE N . 6.96 29.62 -16.56
O2 PGE N . 7.98 29.23 -17.45
C3 PGE N . 7.55 28.95 -18.76
C4 PGE N . 8.63 28.16 -19.48
O4 PGE N . 11.91 25.53 -20.25
C6 PGE N . 10.61 26.03 -20.12
C5 PGE N . 10.50 26.86 -18.84
O3 PGE N . 9.16 27.19 -18.61
H1 PGE N . 6.96 31.40 -17.60
H12 PGE N . 7.13 31.61 -16.04
HO1 PGE N . 5.14 32.14 -16.41
H2 PGE N . 7.24 29.44 -15.65
H22 PGE N . 6.16 29.11 -16.76
H3 PGE N . 6.73 28.44 -18.73
H32 PGE N . 7.39 29.78 -19.22
H4 PGE N . 8.24 27.71 -20.26
H42 PGE N . 9.34 28.76 -19.77
H6 PGE N . 10.39 26.58 -20.89
H62 PGE N . 9.98 25.28 -20.07
H5 PGE N . 11.02 27.67 -18.95
H52 PGE N . 10.85 26.36 -18.10
NA NA O . -13.29 13.29 -4.03
C FHH P . -0.16 0.42 13.52
O FHH P . -1.13 -0.29 13.78
C1 FHH P . -0.21 -0.25 11.13
C10 FHH P . 1.54 2.81 16.64
C11 FHH P . -0.36 2.85 18.06
C12 FHH P . 1.85 1.74 14.50
C13 FHH P . 0.76 3.65 18.71
C14 FHH P . 2.01 3.64 17.80
C2 FHH P . 0.03 -1.78 11.11
C3 FHH P . 1.03 -2.24 12.17
C4 FHH P . 0.45 -3.08 13.28
C6 FHH P . -1.06 -2.89 15.11
C7 FHH P . 0.47 1.27 14.62
C8 FHH P . -0.28 1.58 15.73
C9 FHH P . 0.25 2.37 16.77
N11 FHH P . 2.32 2.52 15.55
NA FHH P . 0.34 0.49 12.29
O13 FHH P . 2.59 1.50 13.54
O2 FHH P . 1.11 -3.97 13.85
O4 FHH P . -0.83 -2.82 13.68
ZN ZN Q . 10.29 2.11 20.85
ZN ZN R . 8.06 -10.35 10.22
ZN ZN S . 18.32 -6.60 3.84
ZN ZN T . -11.54 -7.79 12.62
S SO4 U . 15.22 -14.11 12.97
O1 SO4 U . 14.97 -15.49 13.38
O2 SO4 U . 14.44 -13.80 11.78
O3 SO4 U . 16.64 -13.95 12.66
O4 SO4 U . 14.85 -13.21 14.05
S SO4 V . -9.39 -17.62 3.51
O1 SO4 V . -8.19 -16.93 3.04
O2 SO4 V . -10.42 -17.58 2.48
O3 SO4 V . -9.06 -19.01 3.81
O4 SO4 V . -9.89 -16.96 4.72
S SO4 W . 0.07 -14.50 27.04
O1 SO4 W . 1.04 -13.85 26.17
O2 SO4 W . -1.07 -14.95 26.25
O3 SO4 W . 0.69 -15.65 27.68
O4 SO4 W . -0.39 -13.54 28.04
C1 EDO X . 8.94 -18.76 2.89
O1 EDO X . 9.08 -17.38 3.29
C2 EDO X . 7.78 -18.91 1.93
O2 EDO X . 8.09 -19.87 0.91
H21 EDO X . 7.56 -17.95 1.46
H22 EDO X . 6.88 -19.23 2.47
HO2 EDO X . 7.37 -19.92 0.28
C1 EDO Y . 1.97 -13.29 18.35
O1 EDO Y . 2.20 -14.09 19.51
C2 EDO Y . 2.00 -14.19 17.11
O2 EDO Y . 3.02 -13.70 16.22
H11 EDO Y . 1.00 -12.80 18.42
H12 EDO Y . 2.74 -12.53 18.26
HO1 EDO Y . 2.26 -13.52 20.29
H21 EDO Y . 2.21 -15.22 17.39
H22 EDO Y . 1.03 -14.17 16.61
HO2 EDO Y . 2.87 -14.06 15.34
NA NA Z . 15.54 -13.83 8.47
#